data_3H3S
#
_entry.id   3H3S
#
_cell.length_a   42.369
_cell.length_b   74.564
_cell.length_c   77.478
_cell.angle_alpha   90.000
_cell.angle_beta   103.080
_cell.angle_gamma   90.000
#
_symmetry.space_group_name_H-M   'P 1 21 1'
#
loop_
_entity.id
_entity.type
_entity.pdbx_description
1 polymer 'Goodpasture antigen binding protein'
2 non-polymer N-[(1R,3R)-3-hydroxy-1-(hydroxymethyl)-3-phenylpropyl]pentadecanamide
3 water water
#
_entity_poly.entity_id   1
_entity_poly.type   'polypeptide(L)'
_entity_poly.pdbx_seq_one_letter_code
;SNSLHWPTSLPSGDAFSSVGTHRFVQKVEEMVQNHMTYSLQDVGGDANWQLVVEEGEMKVYRREVEENGIVLDPLKATHA
VKGVTGHEVCNYFWNVDVRNDWETTIENFHVVETLADNAIIIYQTHKRVWPASQRDVLYLSVIRKIPALTENDPETWIVC
NFSVDHDSAPLNNRCVRAKINVAMICQTLVSPPEGNQEISRDNILCKITYVANVNPGGWAPASVLRAVAKREYPKFLKRF
TSYVQEKTAGKPILF
;
_entity_poly.pdbx_strand_id   A,B
#
# COMPACT_ATOMS: atom_id res chain seq x y z
N GLY A 20 7.13 27.37 -10.85
CA GLY A 20 8.05 26.78 -9.83
C GLY A 20 9.46 26.62 -10.37
N THR A 21 10.36 26.08 -9.55
CA THR A 21 11.75 25.91 -9.98
C THR A 21 12.20 24.45 -10.03
N HIS A 22 11.29 23.53 -9.71
CA HIS A 22 11.66 22.12 -9.74
C HIS A 22 11.93 21.68 -11.18
N ARG A 23 12.60 20.55 -11.34
CA ARG A 23 13.10 20.11 -12.64
C ARG A 23 11.98 19.70 -13.60
N PHE A 24 10.76 19.54 -13.08
CA PHE A 24 9.65 19.07 -13.92
C PHE A 24 8.69 20.18 -14.38
N VAL A 25 9.06 21.44 -14.16
CA VAL A 25 8.15 22.53 -14.49
C VAL A 25 7.74 22.59 -15.97
N GLN A 26 8.71 22.40 -16.88
CA GLN A 26 8.41 22.46 -18.31
C GLN A 26 7.48 21.31 -18.71
N LYS A 27 7.73 20.13 -18.15
CA LYS A 27 6.91 18.99 -18.52
C LYS A 27 5.49 19.23 -18.01
N VAL A 28 5.37 19.72 -16.76
CA VAL A 28 4.08 20.06 -16.19
C VAL A 28 3.33 21.02 -17.09
N GLU A 29 3.99 22.08 -17.55
CA GLU A 29 3.31 23.08 -18.37
C GLU A 29 2.80 22.49 -19.69
N GLU A 30 3.62 21.61 -20.27
CA GLU A 30 3.31 20.94 -21.52
C GLU A 30 2.08 20.07 -21.32
N MET A 31 2.08 19.31 -20.23
CA MET A 31 0.98 18.38 -19.94
C MET A 31 -0.32 19.17 -19.70
N VAL A 32 -0.23 20.24 -18.91
CA VAL A 32 -1.38 21.07 -18.62
C VAL A 32 -1.94 21.71 -19.89
N GLN A 33 -1.06 22.22 -20.75
CA GLN A 33 -1.47 22.84 -22.00
C GLN A 33 -2.13 21.82 -22.91
N ASN A 34 -1.58 20.61 -22.95
CA ASN A 34 -2.14 19.58 -23.84
C ASN A 34 -3.55 19.21 -23.38
N HIS A 35 -3.72 19.07 -22.07
CA HIS A 35 -5.04 18.81 -21.52
C HIS A 35 -6.01 19.95 -21.79
N MET A 36 -5.56 21.18 -21.62
CA MET A 36 -6.46 22.31 -21.86
C MET A 36 -6.92 22.38 -23.32
N THR A 37 -6.07 21.95 -24.25
CA THR A 37 -6.47 22.03 -25.66
C THR A 37 -7.10 20.72 -26.16
N TYR A 38 -6.42 19.59 -25.97
CA TYR A 38 -6.97 18.34 -26.48
C TYR A 38 -8.04 17.65 -25.61
N SER A 39 -7.90 17.75 -24.29
CA SER A 39 -8.79 16.96 -23.38
C SER A 39 -10.16 17.58 -23.15
N LEU A 40 -10.28 18.89 -23.35
CA LEU A 40 -11.53 19.59 -23.14
C LEU A 40 -12.44 19.52 -24.39
N GLN A 41 -11.89 19.05 -25.49
CA GLN A 41 -12.62 18.93 -26.74
C GLN A 41 -13.87 18.06 -26.56
N ASP A 42 -14.99 18.51 -27.11
CA ASP A 42 -16.27 17.80 -27.03
C ASP A 42 -16.18 16.45 -27.76
N VAL A 43 -16.66 15.38 -27.12
CA VAL A 43 -16.48 14.02 -27.63
C VAL A 43 -17.79 13.31 -27.93
N GLY A 44 -18.91 13.97 -27.61
CA GLY A 44 -20.24 13.36 -27.73
C GLY A 44 -20.61 13.04 -29.17
N GLY A 45 -20.26 13.95 -30.09
CA GLY A 45 -20.53 13.71 -31.51
C GLY A 45 -19.32 13.22 -32.28
N ASP A 46 -18.30 12.75 -31.54
CA ASP A 46 -17.07 12.27 -32.17
C ASP A 46 -17.12 10.77 -32.33
N ALA A 47 -17.19 10.30 -33.57
CA ALA A 47 -17.47 8.88 -33.82
C ALA A 47 -16.29 7.96 -33.54
N ASN A 48 -15.11 8.54 -33.33
CA ASN A 48 -13.98 7.79 -32.77
C ASN A 48 -14.25 7.34 -31.34
N TRP A 49 -15.22 7.99 -30.68
CA TRP A 49 -15.49 7.68 -29.28
C TRP A 49 -16.82 6.99 -29.15
N GLN A 50 -16.97 6.14 -28.15
CA GLN A 50 -18.23 5.47 -27.83
C GLN A 50 -18.65 5.81 -26.41
N LEU A 51 -19.91 6.19 -26.23
CA LEU A 51 -20.49 6.41 -24.89
C LEU A 51 -20.75 5.04 -24.24
N VAL A 52 -19.90 4.66 -23.31
CA VAL A 52 -20.04 3.29 -22.76
C VAL A 52 -20.83 3.26 -21.42
N VAL A 53 -20.85 4.38 -20.70
CA VAL A 53 -21.54 4.43 -19.40
C VAL A 53 -22.29 5.75 -19.28
N GLU A 54 -23.58 5.68 -18.91
CA GLU A 54 -24.32 6.91 -18.58
C GLU A 54 -25.07 6.66 -17.27
N GLU A 55 -25.06 7.66 -16.39
CA GLU A 55 -25.85 7.58 -15.17
C GLU A 55 -25.90 8.99 -14.58
N GLY A 56 -27.11 9.54 -14.56
CA GLY A 56 -27.30 10.91 -14.13
C GLY A 56 -26.49 11.89 -14.95
N GLU A 57 -25.69 12.69 -14.27
CA GLU A 57 -24.94 13.67 -15.01
C GLU A 57 -23.62 13.05 -15.53
N MET A 58 -23.37 11.78 -15.20
CA MET A 58 -22.10 11.15 -15.55
C MET A 58 -22.13 10.50 -16.92
N LYS A 59 -21.11 10.75 -17.73
CA LYS A 59 -20.96 10.01 -18.99
C LYS A 59 -19.53 9.57 -19.15
N VAL A 60 -19.30 8.31 -19.48
CA VAL A 60 -17.95 7.78 -19.71
C VAL A 60 -17.86 7.32 -21.16
N TYR A 61 -16.84 7.81 -21.84
CA TYR A 61 -16.63 7.49 -23.25
C TYR A 61 -15.29 6.80 -23.37
N ARG A 62 -15.14 5.97 -24.40
CA ARG A 62 -13.80 5.48 -24.67
C ARG A 62 -13.51 5.37 -26.16
N ARG A 63 -12.23 5.43 -26.52
CA ARG A 63 -11.75 5.30 -27.92
C ARG A 63 -10.99 3.99 -27.93
N GLU A 64 -11.34 3.08 -28.82
CA GLU A 64 -10.64 1.79 -28.82
C GLU A 64 -9.30 1.90 -29.57
N VAL A 65 -8.21 1.64 -28.85
CA VAL A 65 -6.86 1.83 -29.39
C VAL A 65 -5.98 0.70 -28.90
N GLU A 66 -5.30 0.00 -29.81
CA GLU A 66 -4.24 -0.91 -29.37
C GLU A 66 -2.95 -0.70 -30.20
N GLU A 67 -1.80 -0.96 -29.58
CA GLU A 67 -0.52 -0.97 -30.29
C GLU A 67 0.20 -2.25 -29.93
N ASN A 68 0.66 -2.98 -30.94
CA ASN A 68 1.33 -4.24 -30.68
C ASN A 68 0.49 -5.19 -29.85
N GLY A 69 -0.83 -5.14 -30.04
CA GLY A 69 -1.73 -6.00 -29.27
C GLY A 69 -2.00 -5.59 -27.83
N ILE A 70 -1.44 -4.45 -27.42
CA ILE A 70 -1.63 -3.93 -26.07
C ILE A 70 -2.74 -2.86 -26.06
N VAL A 71 -3.73 -3.04 -25.20
CA VAL A 71 -4.88 -2.14 -25.19
C VAL A 71 -4.53 -0.85 -24.47
N LEU A 72 -4.82 0.28 -25.14
CA LEU A 72 -4.41 1.62 -24.69
C LEU A 72 -5.62 2.57 -24.53
N ASP A 73 -6.82 2.06 -24.81
CA ASP A 73 -8.05 2.84 -24.93
C ASP A 73 -8.06 4.11 -24.07
N PRO A 74 -7.88 5.28 -24.69
CA PRO A 74 -8.19 6.54 -24.00
C PRO A 74 -9.61 6.49 -23.42
N LEU A 75 -9.72 7.00 -22.18
CA LEU A 75 -10.99 7.12 -21.50
C LEU A 75 -11.27 8.60 -21.22
N LYS A 76 -12.49 9.04 -21.50
CA LYS A 76 -12.91 10.38 -21.10
C LYS A 76 -14.30 10.34 -20.41
N ALA A 77 -14.39 10.92 -19.22
CA ALA A 77 -15.67 11.02 -18.53
C ALA A 77 -15.98 12.47 -18.29
N THR A 78 -17.27 12.77 -18.29
CA THR A 78 -17.74 14.10 -17.94
C THR A 78 -18.79 13.92 -16.83
N HIS A 79 -18.89 14.89 -15.94
CA HIS A 79 -19.88 14.81 -14.87
C HIS A 79 -20.24 16.25 -14.47
N ALA A 80 -21.30 16.39 -13.69
CA ALA A 80 -21.67 17.69 -13.17
C ALA A 80 -22.15 17.37 -11.76
N VAL A 81 -21.56 18.03 -10.77
CA VAL A 81 -21.79 17.63 -9.39
C VAL A 81 -22.29 18.84 -8.64
N LYS A 82 -23.51 18.75 -8.12
CA LYS A 82 -24.08 19.89 -7.40
C LYS A 82 -23.40 20.11 -6.06
N GLY A 83 -23.21 21.39 -5.71
CA GLY A 83 -22.85 21.74 -4.33
C GLY A 83 -21.37 21.76 -4.00
N VAL A 84 -20.50 21.59 -5.01
CA VAL A 84 -19.03 21.60 -4.80
C VAL A 84 -18.37 22.48 -5.87
N THR A 85 -17.18 23.02 -5.59
CA THR A 85 -16.46 23.83 -6.56
C THR A 85 -15.39 23.00 -7.24
N GLY A 86 -14.86 23.48 -8.37
CA GLY A 86 -13.74 22.79 -9.02
C GLY A 86 -12.50 22.81 -8.17
N HIS A 87 -12.29 23.88 -7.41
CA HIS A 87 -11.14 23.99 -6.53
C HIS A 87 -11.22 22.83 -5.52
N GLU A 88 -12.40 22.61 -4.96
CA GLU A 88 -12.60 21.60 -3.92
C GLU A 88 -12.42 20.21 -4.48
N VAL A 89 -13.03 19.97 -5.61
CA VAL A 89 -12.87 18.65 -6.26
C VAL A 89 -11.39 18.36 -6.54
N CYS A 90 -10.67 19.33 -7.09
CA CYS A 90 -9.27 19.10 -7.40
C CYS A 90 -8.44 18.93 -6.15
N ASN A 91 -8.72 19.71 -5.09
CA ASN A 91 -8.01 19.58 -3.80
C ASN A 91 -8.14 18.15 -3.27
N TYR A 92 -9.39 17.66 -3.21
CA TYR A 92 -9.65 16.30 -2.72
C TYR A 92 -8.98 15.21 -3.56
N PHE A 93 -8.95 15.40 -4.88
CA PHE A 93 -8.45 14.38 -5.78
C PHE A 93 -6.94 14.33 -5.59
N TRP A 94 -6.33 15.48 -5.37
CA TRP A 94 -4.86 15.60 -5.29
C TRP A 94 -4.32 15.25 -3.90
N ASN A 95 -5.06 15.63 -2.84
CA ASN A 95 -4.57 15.52 -1.48
C ASN A 95 -4.33 14.05 -1.03
N VAL A 96 -3.06 13.66 -0.92
CA VAL A 96 -2.77 12.26 -0.51
C VAL A 96 -3.29 11.88 0.87
N ASP A 97 -3.54 12.88 1.70
CA ASP A 97 -3.99 12.59 3.09
C ASP A 97 -5.40 12.01 3.16
N VAL A 98 -6.18 12.11 2.07
CA VAL A 98 -7.52 11.57 2.01
C VAL A 98 -7.61 10.47 0.95
N ARG A 99 -6.48 10.13 0.34
CA ARG A 99 -6.50 9.17 -0.75
C ARG A 99 -7.23 7.87 -0.37
N ASN A 100 -6.91 7.34 0.81
CA ASN A 100 -7.47 6.02 1.23
C ASN A 100 -8.92 6.12 1.66
N ASP A 101 -9.43 7.34 1.79
CA ASP A 101 -10.86 7.55 2.05
C ASP A 101 -11.77 7.24 0.87
N TRP A 102 -11.23 7.27 -0.36
CA TRP A 102 -12.08 7.11 -1.54
C TRP A 102 -11.55 6.13 -2.59
N GLU A 103 -10.22 5.98 -2.68
CA GLU A 103 -9.59 5.13 -3.69
C GLU A 103 -9.73 3.68 -3.26
N THR A 104 -10.16 2.81 -4.17
CA THR A 104 -10.37 1.38 -3.86
C THR A 104 -9.51 0.44 -4.72
N THR A 105 -8.67 0.97 -5.61
CA THR A 105 -7.95 0.08 -6.52
C THR A 105 -6.49 -0.04 -6.16
N ILE A 106 -6.10 0.57 -5.04
CA ILE A 106 -4.71 0.62 -4.67
C ILE A 106 -4.42 -0.41 -3.57
N GLU A 107 -3.23 -0.99 -3.63
CA GLU A 107 -2.71 -1.84 -2.57
C GLU A 107 -1.86 -1.03 -1.59
N ASN A 108 -0.83 -0.37 -2.09
CA ASN A 108 0.00 0.48 -1.25
C ASN A 108 0.39 1.71 -2.06
N PHE A 109 0.64 2.83 -1.41
CA PHE A 109 1.30 3.95 -2.09
C PHE A 109 2.18 4.67 -1.11
N HIS A 110 3.12 5.45 -1.64
CA HIS A 110 3.84 6.38 -0.82
C HIS A 110 4.37 7.52 -1.68
N VAL A 111 4.63 8.66 -1.04
CA VAL A 111 5.24 9.79 -1.72
C VAL A 111 6.74 9.62 -1.77
N VAL A 112 7.25 9.59 -3.00
CA VAL A 112 8.67 9.45 -3.32
C VAL A 112 9.40 10.76 -3.16
N GLU A 113 8.80 11.86 -3.59
CA GLU A 113 9.43 13.17 -3.48
C GLU A 113 8.43 14.29 -3.48
N THR A 114 8.73 15.35 -2.75
CA THR A 114 7.89 16.54 -2.80
C THR A 114 8.63 17.60 -3.61
N LEU A 115 8.07 18.01 -4.74
CA LEU A 115 8.74 18.90 -5.66
C LEU A 115 8.46 20.36 -5.34
N ALA A 116 7.21 20.63 -4.91
CA ALA A 116 6.75 21.98 -4.59
C ALA A 116 5.49 21.83 -3.73
N ASP A 117 4.91 22.96 -3.31
CA ASP A 117 3.71 22.90 -2.52
C ASP A 117 2.53 22.30 -3.32
N ASN A 118 2.61 22.34 -4.65
CA ASN A 118 1.51 21.83 -5.48
C ASN A 118 1.95 20.63 -6.33
N ALA A 119 3.10 20.04 -6.02
CA ALA A 119 3.58 18.96 -6.91
C ALA A 119 4.38 17.90 -6.18
N ILE A 120 4.02 16.64 -6.40
CA ILE A 120 4.68 15.51 -5.72
C ILE A 120 4.82 14.32 -6.66
N ILE A 121 5.69 13.38 -6.31
CA ILE A 121 5.86 12.15 -7.07
C ILE A 121 5.41 10.98 -6.23
N ILE A 122 4.58 10.12 -6.78
CA ILE A 122 3.95 9.07 -6.02
C ILE A 122 4.22 7.72 -6.65
N TYR A 123 4.53 6.73 -5.81
CA TYR A 123 4.66 5.36 -6.22
C TYR A 123 3.50 4.59 -5.61
N GLN A 124 2.86 3.74 -6.39
CA GLN A 124 1.79 2.95 -5.80
C GLN A 124 1.64 1.65 -6.53
N THR A 125 1.19 0.62 -5.80
CA THR A 125 0.85 -0.64 -6.45
C THR A 125 -0.67 -0.75 -6.43
N HIS A 126 -1.20 -1.35 -7.47
CA HIS A 126 -2.62 -1.53 -7.63
C HIS A 126 -3.03 -2.99 -7.33
N LYS A 127 -4.25 -3.14 -6.84
CA LYS A 127 -4.88 -4.46 -6.69
C LYS A 127 -4.92 -5.12 -8.05
N ARG A 128 -4.94 -6.46 -8.06
CA ARG A 128 -4.94 -7.17 -9.30
C ARG A 128 -6.33 -7.21 -9.94
N VAL A 129 -6.73 -6.11 -10.60
CA VAL A 129 -8.05 -6.02 -11.21
C VAL A 129 -8.08 -6.66 -12.61
N TRP A 130 -6.91 -6.93 -13.18
CA TRP A 130 -6.83 -7.52 -14.51
C TRP A 130 -6.37 -8.97 -14.38
N PRO A 131 -6.75 -9.81 -15.36
CA PRO A 131 -6.27 -11.20 -15.38
C PRO A 131 -4.81 -11.25 -15.85
N ALA A 132 -3.89 -10.82 -14.98
CA ALA A 132 -2.51 -10.59 -15.40
C ALA A 132 -1.67 -10.27 -14.18
N SER A 133 -0.36 -10.01 -14.35
CA SER A 133 0.49 -9.65 -13.19
C SER A 133 0.03 -8.34 -12.54
N GLN A 134 0.44 -8.14 -11.30
CA GLN A 134 0.13 -6.92 -10.60
C GLN A 134 0.84 -5.78 -11.31
N ARG A 135 0.17 -4.62 -11.38
CA ARG A 135 0.79 -3.40 -11.93
C ARG A 135 1.22 -2.42 -10.83
N ASP A 136 2.33 -1.72 -11.08
CA ASP A 136 2.63 -0.53 -10.27
C ASP A 136 2.75 0.68 -11.14
N VAL A 137 2.89 1.84 -10.52
CA VAL A 137 2.95 3.10 -11.31
C VAL A 137 3.70 4.12 -10.49
N LEU A 138 4.34 5.05 -11.18
CA LEU A 138 5.20 6.02 -10.54
C LEU A 138 4.94 7.31 -11.30
N TYR A 139 4.29 8.26 -10.65
CA TYR A 139 3.77 9.45 -11.36
C TYR A 139 3.93 10.75 -10.59
N LEU A 140 4.10 11.82 -11.37
CA LEU A 140 4.09 13.14 -10.80
C LEU A 140 2.64 13.58 -10.75
N SER A 141 2.24 14.16 -9.61
CA SER A 141 0.87 14.61 -9.40
C SER A 141 0.88 16.06 -9.03
N VAL A 142 0.23 16.86 -9.85
CA VAL A 142 0.31 18.31 -9.75
C VAL A 142 -1.05 18.96 -9.83
N ILE A 143 -1.29 19.93 -8.96
CA ILE A 143 -2.56 20.70 -8.98
C ILE A 143 -2.25 22.16 -9.39
N ARG A 144 -3.01 22.65 -10.36
CA ARG A 144 -2.79 24.01 -10.95
C ARG A 144 -4.13 24.71 -11.17
N LYS A 145 -4.14 26.04 -11.03
CA LYS A 145 -5.28 26.84 -11.48
C LYS A 145 -4.88 27.54 -12.77
N ILE A 146 -5.79 27.50 -13.73
CA ILE A 146 -5.65 28.15 -15.03
C ILE A 146 -6.61 29.34 -14.90
N PRO A 147 -6.05 30.55 -14.85
CA PRO A 147 -6.94 31.69 -14.70
C PRO A 147 -7.90 31.83 -15.88
N ALA A 148 -9.04 32.45 -15.64
CA ALA A 148 -10.05 32.70 -16.67
C ALA A 148 -9.61 33.93 -17.48
N LEU A 149 -9.99 34.02 -18.76
CA LEU A 149 -9.64 35.21 -19.56
C LEU A 149 -10.53 36.38 -19.16
N THR A 150 -11.76 36.06 -18.75
CA THR A 150 -12.70 37.09 -18.29
C THR A 150 -13.44 36.61 -17.04
N GLU A 151 -14.02 37.55 -16.30
CA GLU A 151 -14.81 37.21 -15.12
C GLU A 151 -16.14 36.56 -15.48
N ASN A 152 -16.47 36.58 -16.76
CA ASN A 152 -17.65 35.87 -17.26
C ASN A 152 -17.44 34.37 -17.47
N ASP A 153 -16.18 33.94 -17.38
CA ASP A 153 -15.85 32.52 -17.56
C ASP A 153 -15.44 31.93 -16.24
N PRO A 154 -15.53 30.59 -16.10
CA PRO A 154 -14.97 29.94 -14.87
C PRO A 154 -13.41 29.78 -14.90
N GLU A 155 -12.78 29.91 -13.72
CA GLU A 155 -11.38 29.52 -13.61
C GLU A 155 -11.37 28.00 -13.77
N THR A 156 -10.24 27.47 -14.22
CA THR A 156 -10.16 26.03 -14.37
C THR A 156 -9.18 25.51 -13.35
N TRP A 157 -9.56 24.44 -12.65
CA TRP A 157 -8.60 23.76 -11.79
C TRP A 157 -8.30 22.41 -12.43
N ILE A 158 -7.05 22.00 -12.38
CA ILE A 158 -6.69 20.74 -13.03
C ILE A 158 -5.68 20.02 -12.15
N VAL A 159 -5.85 18.70 -12.03
CA VAL A 159 -4.81 17.85 -11.41
C VAL A 159 -4.37 16.96 -12.57
N CYS A 160 -3.06 16.96 -12.80
CA CYS A 160 -2.44 16.11 -13.81
C CYS A 160 -1.63 15.04 -13.08
N ASN A 161 -1.87 13.76 -13.39
CA ASN A 161 -1.05 12.64 -12.88
C ASN A 161 -0.38 12.02 -14.11
N PHE A 162 0.94 12.15 -14.23
CA PHE A 162 1.61 11.55 -15.38
C PHE A 162 2.92 10.84 -14.99
N SER A 163 3.21 9.74 -15.68
CA SER A 163 4.35 8.95 -15.30
C SER A 163 5.67 9.71 -15.47
N VAL A 164 6.57 9.45 -14.51
CA VAL A 164 7.96 9.93 -14.53
C VAL A 164 8.87 8.80 -14.01
N ASP A 165 10.18 8.99 -14.16
CA ASP A 165 11.14 8.06 -13.57
C ASP A 165 11.72 8.66 -12.30
N HIS A 166 12.20 7.79 -11.43
CA HIS A 166 12.85 8.27 -10.24
C HIS A 166 13.79 7.21 -9.75
N ASP A 167 14.99 7.65 -9.34
CA ASP A 167 16.03 6.73 -8.82
C ASP A 167 15.56 5.92 -7.64
N SER A 168 14.77 6.53 -6.77
CA SER A 168 14.30 5.82 -5.57
C SER A 168 13.18 4.81 -5.86
N ALA A 169 12.68 4.79 -7.09
CA ALA A 169 11.61 3.86 -7.44
C ALA A 169 11.88 3.16 -8.78
N PRO A 170 12.92 2.29 -8.82
CA PRO A 170 13.25 1.61 -10.06
C PRO A 170 12.26 0.49 -10.34
N LEU A 171 12.31 -0.09 -11.54
CA LEU A 171 11.44 -1.19 -11.89
C LEU A 171 11.44 -2.26 -10.78
N ASN A 172 10.27 -2.87 -10.59
CA ASN A 172 10.05 -3.89 -9.58
C ASN A 172 10.40 -5.25 -10.17
N ASN A 173 10.58 -6.24 -9.30
CA ASN A 173 10.76 -7.61 -9.74
C ASN A 173 9.39 -8.27 -9.92
N ARG A 174 8.46 -7.91 -9.04
CA ARG A 174 7.14 -8.55 -8.99
C ARG A 174 6.06 -7.88 -9.85
N CYS A 175 6.21 -6.59 -10.13
CA CYS A 175 5.15 -5.81 -10.82
C CYS A 175 5.55 -5.38 -12.23
N VAL A 176 4.55 -5.29 -13.11
CA VAL A 176 4.71 -4.69 -14.40
C VAL A 176 4.43 -3.18 -14.25
N ARG A 177 5.34 -2.35 -14.72
CA ARG A 177 5.23 -0.89 -14.60
C ARG A 177 4.27 -0.32 -15.67
N ALA A 178 3.10 0.15 -15.24
CA ALA A 178 2.17 0.77 -16.16
C ALA A 178 2.64 2.21 -16.30
N LYS A 179 2.16 2.86 -17.35
CA LYS A 179 2.46 4.30 -17.57
C LYS A 179 1.10 5.01 -17.74
N ILE A 180 0.97 6.21 -17.16
CA ILE A 180 -0.32 6.90 -17.17
C ILE A 180 -0.16 8.33 -17.59
N ASN A 181 -1.25 8.88 -18.13
CA ASN A 181 -1.36 10.31 -18.35
C ASN A 181 -2.86 10.58 -18.05
N VAL A 182 -3.14 11.18 -16.90
CA VAL A 182 -4.51 11.35 -16.41
C VAL A 182 -4.69 12.82 -16.05
N ALA A 183 -5.88 13.35 -16.26
CA ALA A 183 -6.19 14.71 -15.77
C ALA A 183 -7.62 14.75 -15.25
N MET A 184 -7.78 15.45 -14.14
CA MET A 184 -9.11 15.76 -13.62
C MET A 184 -9.29 17.28 -13.78
N ILE A 185 -10.22 17.72 -14.63
CA ILE A 185 -10.24 19.12 -14.96
C ILE A 185 -11.61 19.64 -14.55
N CYS A 186 -11.68 20.73 -13.79
CA CYS A 186 -12.96 21.08 -13.18
C CYS A 186 -13.21 22.59 -13.29
N GLN A 187 -14.46 22.98 -13.50
CA GLN A 187 -14.86 24.41 -13.52
C GLN A 187 -16.15 24.56 -12.74
N THR A 188 -16.25 25.65 -11.97
CA THR A 188 -17.42 25.89 -11.14
C THR A 188 -18.37 26.81 -11.90
N LEU A 189 -19.64 26.43 -11.93
CA LEU A 189 -20.65 27.36 -12.44
C LEU A 189 -21.43 27.85 -11.21
N VAL A 190 -21.83 29.13 -11.22
CA VAL A 190 -22.57 29.64 -10.08
C VAL A 190 -23.85 30.27 -10.59
N SER A 191 -24.89 30.18 -9.78
CA SER A 191 -26.16 30.75 -10.14
C SER A 191 -26.67 31.42 -8.87
N PRO A 192 -26.24 32.68 -8.64
CA PRO A 192 -26.60 33.26 -7.34
C PRO A 192 -28.12 33.40 -7.20
N PRO A 193 -28.62 33.35 -5.96
CA PRO A 193 -30.06 33.43 -5.77
C PRO A 193 -30.59 34.83 -6.13
N GLU A 194 -31.90 34.92 -6.36
CA GLU A 194 -32.50 36.12 -6.94
C GLU A 194 -32.53 37.36 -6.00
N GLY A 195 -32.61 37.15 -4.68
CA GLY A 195 -32.82 38.27 -3.78
C GLY A 195 -31.91 38.45 -2.57
N ASN A 196 -32.52 38.46 -1.39
CA ASN A 196 -31.83 38.72 -0.13
C ASN A 196 -30.89 37.59 0.36
N GLN A 197 -31.02 36.40 -0.23
CA GLN A 197 -30.23 35.25 0.24
C GLN A 197 -28.76 35.28 -0.20
N GLU A 198 -27.88 34.83 0.69
CA GLU A 198 -26.50 34.61 0.30
C GLU A 198 -26.36 33.32 -0.52
N ILE A 199 -25.39 33.33 -1.43
CA ILE A 199 -25.05 32.16 -2.22
C ILE A 199 -24.79 31.00 -1.28
N SER A 200 -25.46 29.88 -1.52
CA SER A 200 -25.22 28.65 -0.78
C SER A 200 -24.72 27.59 -1.76
N ARG A 201 -24.52 26.37 -1.25
CA ARG A 201 -24.06 25.26 -2.09
C ARG A 201 -25.16 24.79 -3.02
N ASP A 202 -26.40 25.22 -2.75
CA ASP A 202 -27.51 24.96 -3.66
C ASP A 202 -27.31 25.72 -4.95
N ASN A 203 -26.43 26.70 -4.95
CA ASN A 203 -26.25 27.60 -6.10
C ASN A 203 -24.99 27.35 -6.97
N ILE A 204 -24.25 26.29 -6.67
CA ILE A 204 -23.00 26.02 -7.40
C ILE A 204 -23.05 24.61 -7.98
N LEU A 205 -22.36 24.43 -9.11
CA LEU A 205 -22.29 23.12 -9.75
C LEU A 205 -20.88 22.98 -10.31
N CYS A 206 -20.31 21.80 -10.19
CA CYS A 206 -18.94 21.61 -10.67
C CYS A 206 -19.02 20.77 -11.94
N LYS A 207 -18.50 21.31 -13.03
CA LYS A 207 -18.36 20.55 -14.30
C LYS A 207 -16.99 19.90 -14.27
N ILE A 208 -17.00 18.59 -14.47
CA ILE A 208 -15.79 17.80 -14.40
C ILE A 208 -15.52 17.11 -15.76
N THR A 209 -14.28 17.16 -16.20
CA THR A 209 -13.83 16.31 -17.31
C THR A 209 -12.65 15.52 -16.75
N TYR A 210 -12.71 14.19 -16.84
CA TYR A 210 -11.66 13.33 -16.31
C TYR A 210 -11.20 12.51 -17.51
N VAL A 211 -9.90 12.55 -17.77
CA VAL A 211 -9.32 11.80 -18.89
C VAL A 211 -8.23 10.87 -18.33
N ALA A 212 -8.23 9.62 -18.79
CA ALA A 212 -7.19 8.69 -18.35
C ALA A 212 -6.66 7.96 -19.58
N ASN A 213 -5.35 8.04 -19.76
CA ASN A 213 -4.71 7.23 -20.78
C ASN A 213 -3.76 6.31 -20.03
N VAL A 214 -4.05 5.01 -20.07
CA VAL A 214 -3.29 4.08 -19.27
C VAL A 214 -2.64 3.07 -20.26
N ASN A 215 -1.35 2.87 -20.10
CA ASN A 215 -0.62 1.84 -20.84
C ASN A 215 -0.34 0.72 -19.85
N PRO A 216 -1.00 -0.44 -20.05
CA PRO A 216 -0.93 -1.50 -19.06
C PRO A 216 0.49 -2.07 -18.87
N GLY A 217 1.39 -1.80 -19.84
CA GLY A 217 2.80 -2.20 -19.72
C GLY A 217 3.06 -3.65 -20.14
N GLY A 218 2.04 -4.28 -20.71
CA GLY A 218 2.12 -5.67 -21.16
C GLY A 218 0.74 -6.17 -21.56
N TRP A 219 0.69 -7.35 -22.19
CA TRP A 219 -0.53 -7.85 -22.83
C TRP A 219 -1.54 -8.40 -21.84
N ALA A 220 -2.82 -8.20 -22.13
CA ALA A 220 -3.88 -8.89 -21.41
C ALA A 220 -5.06 -8.90 -22.34
N PRO A 221 -6.03 -9.78 -22.09
CA PRO A 221 -7.14 -9.87 -23.03
C PRO A 221 -7.94 -8.56 -23.07
N ALA A 222 -8.07 -7.98 -24.25
CA ALA A 222 -8.74 -6.68 -24.39
C ALA A 222 -10.15 -6.70 -23.81
N SER A 223 -10.91 -7.77 -24.10
CA SER A 223 -12.32 -7.88 -23.67
C SER A 223 -12.46 -7.69 -22.17
N VAL A 224 -11.54 -8.31 -21.42
CA VAL A 224 -11.52 -8.19 -19.97
C VAL A 224 -11.10 -6.80 -19.45
N LEU A 225 -10.02 -6.26 -20.03
CA LEU A 225 -9.56 -4.91 -19.67
C LEU A 225 -10.65 -3.87 -19.95
N ARG A 226 -11.35 -4.04 -21.05
CA ARG A 226 -12.41 -3.11 -21.36
C ARG A 226 -13.58 -3.26 -20.38
N ALA A 227 -13.94 -4.49 -20.01
CA ALA A 227 -14.99 -4.68 -19.02
C ALA A 227 -14.59 -4.06 -17.68
N VAL A 228 -13.34 -4.27 -17.27
CA VAL A 228 -12.86 -3.76 -16.00
C VAL A 228 -12.89 -2.22 -15.99
N ALA A 229 -12.47 -1.58 -17.07
CA ALA A 229 -12.54 -0.12 -17.15
C ALA A 229 -14.00 0.39 -17.08
N LYS A 230 -14.91 -0.27 -17.79
CA LYS A 230 -16.32 0.12 -17.83
C LYS A 230 -16.91 0.02 -16.41
N ARG A 231 -16.42 -0.93 -15.61
CA ARG A 231 -16.90 -1.10 -14.23
C ARG A 231 -16.28 -0.09 -13.25
N GLU A 232 -14.96 -0.01 -13.29
CA GLU A 232 -14.16 0.65 -12.29
C GLU A 232 -14.15 2.18 -12.40
N TYR A 233 -14.09 2.75 -13.61
CA TYR A 233 -14.05 4.22 -13.68
C TYR A 233 -15.34 4.86 -13.18
N PRO A 234 -16.53 4.34 -13.64
CA PRO A 234 -17.74 4.98 -13.12
C PRO A 234 -17.87 4.75 -11.62
N LYS A 235 -17.39 3.62 -11.10
CA LYS A 235 -17.45 3.33 -9.68
C LYS A 235 -16.64 4.37 -8.90
N PHE A 236 -15.43 4.64 -9.37
CA PHE A 236 -14.57 5.69 -8.78
C PHE A 236 -15.21 7.05 -8.89
N LEU A 237 -15.75 7.37 -10.05
CA LEU A 237 -16.21 8.76 -10.20
C LEU A 237 -17.37 9.03 -9.26
N LYS A 238 -18.27 8.06 -9.13
CA LYS A 238 -19.43 8.22 -8.22
C LYS A 238 -18.98 8.27 -6.76
N ARG A 239 -18.14 7.33 -6.36
CA ARG A 239 -17.62 7.29 -5.00
C ARG A 239 -16.83 8.54 -4.62
N PHE A 240 -15.85 8.89 -5.45
CA PHE A 240 -15.06 10.08 -5.24
C PHE A 240 -15.89 11.39 -5.21
N THR A 241 -16.78 11.60 -6.18
CA THR A 241 -17.56 12.86 -6.21
C THR A 241 -18.53 12.93 -5.00
N SER A 242 -19.08 11.78 -4.61
CA SER A 242 -19.95 11.66 -3.45
C SER A 242 -19.17 12.00 -2.20
N TYR A 243 -17.93 11.52 -2.16
CA TYR A 243 -17.06 11.81 -1.05
C TYR A 243 -16.83 13.33 -0.89
N VAL A 244 -16.52 14.00 -1.99
CA VAL A 244 -16.28 15.45 -1.95
C VAL A 244 -17.56 16.16 -1.48
N GLN A 245 -18.72 15.71 -1.96
CA GLN A 245 -20.02 16.30 -1.58
C GLN A 245 -20.21 16.17 -0.08
N GLU A 246 -19.95 14.98 0.44
CA GLU A 246 -20.06 14.72 1.87
C GLU A 246 -19.08 15.52 2.73
N LYS A 247 -17.84 15.62 2.29
CA LYS A 247 -16.82 16.27 3.07
C LYS A 247 -16.98 17.79 3.06
N THR A 248 -17.66 18.32 2.05
CA THR A 248 -17.76 19.78 1.94
C THR A 248 -19.10 20.34 2.41
N ALA A 249 -20.03 19.43 2.71
CA ALA A 249 -21.41 19.81 2.99
C ALA A 249 -21.45 20.71 4.21
N GLY A 250 -22.10 21.86 4.07
CA GLY A 250 -22.27 22.76 5.19
C GLY A 250 -21.10 23.69 5.43
N LYS A 251 -20.00 23.51 4.71
CA LYS A 251 -18.83 24.38 4.87
C LYS A 251 -18.80 25.60 3.92
N PRO A 252 -18.11 26.71 4.31
CA PRO A 252 -18.05 27.83 3.38
C PRO A 252 -17.42 27.37 2.05
N ILE A 253 -17.83 28.02 0.98
CA ILE A 253 -17.48 27.62 -0.36
C ILE A 253 -16.09 28.10 -0.72
N LEU A 254 -15.27 27.16 -1.19
CA LEU A 254 -13.92 27.47 -1.61
C LEU A 254 -13.89 27.56 -3.13
N PHE A 255 -13.97 28.78 -3.65
CA PHE A 255 -13.93 29.02 -5.09
C PHE A 255 -12.56 28.76 -5.70
N HIS B 22 26.70 1.04 14.78
CA HIS B 22 27.33 -0.32 14.78
C HIS B 22 27.64 -0.85 13.35
N ARG B 23 28.36 -1.95 13.29
CA ARG B 23 28.88 -2.43 12.01
C ARG B 23 27.82 -3.02 11.09
N PHE B 24 26.64 -3.34 11.63
CA PHE B 24 25.58 -3.85 10.77
C PHE B 24 24.52 -2.83 10.30
N VAL B 25 24.75 -1.54 10.50
CA VAL B 25 23.67 -0.60 10.22
C VAL B 25 23.23 -0.62 8.77
N GLN B 26 24.19 -0.70 7.83
CA GLN B 26 23.81 -0.77 6.40
C GLN B 26 22.95 -1.99 6.03
N LYS B 27 23.35 -3.17 6.52
CA LYS B 27 22.57 -4.36 6.33
C LYS B 27 21.16 -4.18 6.91
N VAL B 28 21.08 -3.65 8.14
CA VAL B 28 19.78 -3.45 8.79
C VAL B 28 18.90 -2.59 7.85
N GLU B 29 19.45 -1.48 7.41
CA GLU B 29 18.73 -0.61 6.52
C GLU B 29 18.25 -1.29 5.25
N GLU B 30 19.12 -2.09 4.65
CA GLU B 30 18.77 -2.77 3.41
C GLU B 30 17.64 -3.79 3.68
N MET B 31 17.75 -4.51 4.79
CA MET B 31 16.77 -5.56 5.12
C MET B 31 15.40 -4.92 5.38
N VAL B 32 15.40 -3.83 6.15
CA VAL B 32 14.19 -3.12 6.52
C VAL B 32 13.55 -2.55 5.28
N GLN B 33 14.34 -1.92 4.41
CA GLN B 33 13.80 -1.34 3.20
C GLN B 33 13.21 -2.41 2.30
N ASN B 34 13.91 -3.53 2.21
CA ASN B 34 13.46 -4.58 1.32
C ASN B 34 12.15 -5.14 1.80
N HIS B 35 12.01 -5.27 3.12
CA HIS B 35 10.74 -5.81 3.66
C HIS B 35 9.64 -4.82 3.46
N MET B 36 9.93 -3.55 3.72
CA MET B 36 8.90 -2.50 3.52
C MET B 36 8.46 -2.45 2.05
N THR B 37 9.42 -2.65 1.16
CA THR B 37 9.12 -2.64 -0.26
C THR B 37 8.39 -3.89 -0.77
N TYR B 38 8.92 -5.08 -0.45
CA TYR B 38 8.41 -6.35 -0.98
C TYR B 38 7.48 -7.15 -0.05
N SER B 39 7.58 -6.99 1.26
CA SER B 39 6.89 -7.93 2.12
C SER B 39 5.43 -7.61 2.37
N LEU B 40 5.01 -6.41 1.98
CA LEU B 40 3.63 -5.98 2.17
C LEU B 40 2.75 -6.17 0.94
N GLN B 41 3.24 -6.91 -0.05
CA GLN B 41 2.46 -7.13 -1.26
C GLN B 41 1.41 -8.22 -0.96
N ASP B 42 0.19 -8.03 -1.46
CA ASP B 42 -0.96 -8.88 -1.09
C ASP B 42 -0.93 -10.20 -1.84
N VAL B 43 -0.51 -11.28 -1.16
CA VAL B 43 -0.30 -12.58 -1.81
C VAL B 43 -1.60 -13.39 -2.00
N GLY B 44 -2.71 -12.92 -1.42
CA GLY B 44 -3.99 -13.61 -1.57
C GLY B 44 -4.46 -13.71 -3.03
N GLY B 45 -4.05 -12.77 -3.86
CA GLY B 45 -4.40 -12.87 -5.28
C GLY B 45 -3.22 -13.36 -6.10
N ASP B 46 -2.09 -13.61 -5.44
CA ASP B 46 -0.89 -14.04 -6.18
C ASP B 46 -0.94 -15.55 -6.36
N ALA B 47 -1.18 -15.97 -7.60
CA ALA B 47 -1.42 -17.35 -7.88
C ALA B 47 -0.16 -18.19 -7.79
N ASN B 48 0.98 -17.56 -7.56
CA ASN B 48 2.21 -18.34 -7.31
C ASN B 48 2.32 -18.75 -5.85
N TRP B 49 1.50 -18.13 -5.00
CA TRP B 49 1.49 -18.44 -3.58
C TRP B 49 0.28 -19.33 -3.31
N GLN B 50 0.39 -20.19 -2.31
CA GLN B 50 -0.71 -21.06 -1.91
C GLN B 50 -1.13 -20.76 -0.49
N LEU B 51 -2.43 -20.59 -0.25
CA LEU B 51 -2.94 -20.38 1.11
C LEU B 51 -3.03 -21.74 1.76
N VAL B 52 -2.10 -22.04 2.68
CA VAL B 52 -2.00 -23.43 3.20
C VAL B 52 -2.67 -23.68 4.56
N VAL B 53 -2.79 -22.62 5.39
CA VAL B 53 -3.50 -22.69 6.68
C VAL B 53 -4.32 -21.45 6.90
N GLU B 54 -5.54 -21.63 7.39
CA GLU B 54 -6.37 -20.47 7.77
C GLU B 54 -7.14 -20.80 9.03
N GLU B 55 -7.29 -19.80 9.89
CA GLU B 55 -7.91 -19.97 11.21
C GLU B 55 -8.29 -18.60 11.64
N GLY B 56 -9.56 -18.36 11.88
CA GLY B 56 -9.99 -17.00 12.25
C GLY B 56 -9.43 -15.95 11.30
N GLU B 57 -8.79 -14.93 11.90
CA GLU B 57 -8.23 -13.81 11.13
C GLU B 57 -6.85 -14.12 10.57
N MET B 58 -6.35 -15.33 10.81
CA MET B 58 -4.98 -15.71 10.42
C MET B 58 -4.94 -16.48 9.09
N LYS B 59 -4.06 -16.07 8.20
CA LYS B 59 -3.89 -16.79 6.93
C LYS B 59 -2.42 -17.00 6.69
N VAL B 60 -2.02 -18.23 6.34
CA VAL B 60 -0.61 -18.53 6.21
C VAL B 60 -0.41 -19.05 4.79
N TYR B 61 0.50 -18.41 4.07
CA TYR B 61 0.70 -18.74 2.68
C TYR B 61 2.14 -19.17 2.49
N ARG B 62 2.37 -19.92 1.43
CA ARG B 62 3.75 -20.15 1.08
C ARG B 62 3.90 -20.22 -0.42
N ARG B 63 5.15 -20.06 -0.88
CA ARG B 63 5.47 -20.21 -2.28
C ARG B 63 6.48 -21.35 -2.33
N GLU B 64 6.22 -22.38 -3.11
CA GLU B 64 7.15 -23.51 -3.16
C GLU B 64 8.38 -23.17 -4.01
N VAL B 65 9.55 -23.16 -3.37
CA VAL B 65 10.78 -22.77 -4.01
C VAL B 65 11.84 -23.79 -3.62
N GLU B 66 12.54 -24.31 -4.61
CA GLU B 66 13.73 -25.13 -4.35
C GLU B 66 14.89 -24.64 -5.20
N GLU B 67 16.04 -24.43 -4.57
CA GLU B 67 17.29 -24.05 -5.24
C GLU B 67 18.41 -25.04 -4.94
N ASN B 68 19.06 -25.52 -6.00
CA ASN B 68 20.13 -26.53 -5.87
C ASN B 68 19.70 -27.72 -5.02
N GLY B 69 18.46 -28.16 -5.20
CA GLY B 69 17.87 -29.30 -4.47
C GLY B 69 17.27 -29.01 -3.10
N ILE B 70 17.42 -27.76 -2.64
CA ILE B 70 17.09 -27.42 -1.26
C ILE B 70 15.74 -26.68 -1.17
N VAL B 71 14.90 -27.04 -0.20
CA VAL B 71 13.59 -26.40 -0.04
C VAL B 71 13.74 -25.06 0.70
N LEU B 72 13.32 -23.97 0.04
CA LEU B 72 13.50 -22.62 0.58
C LEU B 72 12.18 -21.89 0.81
N ASP B 73 11.06 -22.54 0.45
CA ASP B 73 9.69 -22.00 0.52
C ASP B 73 9.53 -20.74 1.37
N PRO B 74 9.47 -19.59 0.73
CA PRO B 74 9.05 -18.34 1.38
C PRO B 74 7.68 -18.53 2.06
N LEU B 75 7.51 -18.00 3.27
CA LEU B 75 6.23 -18.10 3.98
C LEU B 75 5.79 -16.68 4.31
N LYS B 76 4.48 -16.40 4.17
CA LYS B 76 3.94 -15.13 4.59
C LYS B 76 2.62 -15.38 5.30
N ALA B 77 2.48 -14.78 6.48
CA ALA B 77 1.23 -14.89 7.22
C ALA B 77 0.70 -13.51 7.47
N THR B 78 -0.61 -13.41 7.48
CA THR B 78 -1.23 -12.13 7.84
C THR B 78 -2.23 -12.43 8.97
N HIS B 79 -2.44 -11.43 9.83
CA HIS B 79 -3.26 -11.62 11.01
C HIS B 79 -3.76 -10.22 11.43
N ALA B 80 -4.79 -10.23 12.26
CA ALA B 80 -5.37 -9.00 12.79
C ALA B 80 -5.75 -9.32 14.22
N VAL B 81 -5.24 -8.53 15.16
CA VAL B 81 -5.37 -8.83 16.58
C VAL B 81 -6.01 -7.61 17.25
N LYS B 82 -7.20 -7.80 17.82
CA LYS B 82 -7.91 -6.70 18.47
C LYS B 82 -7.19 -6.34 19.75
N GLY B 83 -7.16 -5.04 20.06
CA GLY B 83 -6.83 -4.65 21.44
C GLY B 83 -5.37 -4.44 21.78
N VAL B 84 -4.49 -4.55 20.77
CA VAL B 84 -3.05 -4.30 20.96
C VAL B 84 -2.58 -3.39 19.83
N THR B 85 -1.46 -2.71 20.04
CA THR B 85 -0.86 -1.85 19.02
C THR B 85 0.35 -2.55 18.36
N GLY B 86 0.81 -2.02 17.22
CA GLY B 86 1.94 -2.59 16.52
C GLY B 86 3.20 -2.45 17.35
N HIS B 87 3.31 -1.33 18.09
CA HIS B 87 4.44 -1.15 18.97
C HIS B 87 4.51 -2.24 20.05
N GLU B 88 3.36 -2.58 20.64
CA GLU B 88 3.33 -3.59 21.67
C GLU B 88 3.69 -4.94 21.07
N VAL B 89 3.07 -5.28 19.93
CA VAL B 89 3.36 -6.58 19.30
C VAL B 89 4.86 -6.72 19.00
N CYS B 90 5.43 -5.71 18.35
CA CYS B 90 6.84 -5.76 18.03
C CYS B 90 7.73 -5.80 19.27
N ASN B 91 7.45 -4.98 20.30
CA ASN B 91 8.19 -5.09 21.55
C ASN B 91 8.20 -6.50 22.12
N TYR B 92 7.04 -7.14 22.14
CA TYR B 92 6.97 -8.46 22.75
C TYR B 92 7.69 -9.50 21.87
N PHE B 93 7.62 -9.32 20.55
CA PHE B 93 8.32 -10.22 19.65
C PHE B 93 9.82 -10.07 19.84
N TRP B 94 10.29 -8.85 20.05
CA TRP B 94 11.74 -8.55 20.08
C TRP B 94 12.34 -8.76 21.46
N ASN B 95 11.57 -8.48 22.50
CA ASN B 95 12.10 -8.44 23.86
C ASN B 95 12.51 -9.84 24.34
N VAL B 96 13.81 -10.09 24.51
CA VAL B 96 14.24 -11.44 24.88
C VAL B 96 13.76 -11.85 26.28
N ASP B 97 13.48 -10.86 27.12
CA ASP B 97 13.05 -11.13 28.49
C ASP B 97 11.77 -11.96 28.59
N VAL B 98 10.98 -12.02 27.52
CA VAL B 98 9.71 -12.74 27.57
C VAL B 98 9.64 -13.85 26.53
N ARG B 99 10.75 -14.07 25.83
CA ARG B 99 10.81 -15.06 24.76
C ARG B 99 10.28 -16.43 25.22
N ASN B 100 10.73 -16.89 26.39
CA ASN B 100 10.36 -18.24 26.87
C ASN B 100 8.89 -18.34 27.30
N ASP B 101 8.21 -17.20 27.42
CA ASP B 101 6.79 -17.26 27.74
C ASP B 101 5.95 -17.74 26.59
N TRP B 102 6.43 -17.53 25.37
CA TRP B 102 5.59 -17.84 24.20
C TRP B 102 6.19 -18.80 23.18
N GLU B 103 7.53 -18.82 23.10
CA GLU B 103 8.24 -19.62 22.10
C GLU B 103 8.24 -21.07 22.60
N THR B 104 7.92 -21.99 21.71
CA THR B 104 7.82 -23.41 22.11
C THR B 104 8.85 -24.29 21.40
N THR B 105 9.57 -23.70 20.44
CA THR B 105 10.51 -24.51 19.66
C THR B 105 11.98 -24.31 20.08
N ILE B 106 12.20 -23.56 21.15
CA ILE B 106 13.55 -23.21 21.59
C ILE B 106 14.08 -24.17 22.67
N GLU B 107 15.26 -24.74 22.45
CA GLU B 107 15.91 -25.49 23.53
C GLU B 107 16.62 -24.53 24.47
N ASN B 108 17.49 -23.66 23.94
CA ASN B 108 18.19 -22.63 24.71
C ASN B 108 18.51 -21.44 23.82
N PHE B 109 18.75 -20.27 24.40
CA PHE B 109 19.17 -19.12 23.59
C PHE B 109 19.91 -18.17 24.49
N HIS B 110 20.80 -17.37 23.92
CA HIS B 110 21.37 -16.25 24.64
C HIS B 110 21.69 -15.11 23.70
N VAL B 111 21.86 -13.93 24.28
CA VAL B 111 22.31 -12.77 23.54
C VAL B 111 23.84 -12.82 23.46
N VAL B 112 24.34 -12.88 22.23
CA VAL B 112 25.78 -12.89 21.95
C VAL B 112 26.36 -11.49 22.07
N GLU B 113 25.61 -10.52 21.59
CA GLU B 113 26.15 -9.17 21.60
C GLU B 113 25.03 -8.19 21.51
N THR B 114 25.19 -7.09 22.23
CA THR B 114 24.30 -5.94 22.12
C THR B 114 24.96 -4.93 21.22
N LEU B 115 24.25 -4.60 20.14
CA LEU B 115 24.74 -3.68 19.14
C LEU B 115 24.28 -2.25 19.39
N ALA B 116 23.04 -2.11 19.87
CA ALA B 116 22.42 -0.79 20.09
C ALA B 116 21.21 -0.98 21.00
N ASP B 117 20.59 0.13 21.44
CA ASP B 117 19.34 0.05 22.18
C ASP B 117 18.27 -0.82 21.50
N ASN B 118 18.33 -0.93 20.17
CA ASN B 118 17.28 -1.63 19.42
C ASN B 118 17.80 -2.81 18.59
N ALA B 119 19.02 -3.24 18.83
CA ALA B 119 19.58 -4.27 17.94
C ALA B 119 20.53 -5.20 18.71
N ILE B 120 20.27 -6.50 18.65
CA ILE B 120 21.08 -7.47 19.36
C ILE B 120 21.39 -8.65 18.45
N ILE B 121 22.41 -9.44 18.80
CA ILE B 121 22.68 -10.69 18.11
C ILE B 121 22.37 -11.81 19.06
N ILE B 122 21.54 -12.73 18.58
CA ILE B 122 21.05 -13.87 19.35
C ILE B 122 21.54 -15.19 18.76
N TYR B 123 22.03 -16.07 19.62
CA TYR B 123 22.25 -17.47 19.25
C TYR B 123 21.18 -18.35 19.92
N GLN B 124 20.61 -19.27 19.16
CA GLN B 124 19.68 -20.20 19.78
C GLN B 124 19.71 -21.60 19.16
N THR B 125 19.39 -22.57 20.00
CA THR B 125 19.24 -23.94 19.52
C THR B 125 17.77 -24.32 19.57
N HIS B 126 17.33 -25.07 18.56
CA HIS B 126 15.94 -25.42 18.47
C HIS B 126 15.70 -26.86 18.89
N LYS B 127 14.50 -27.10 19.42
CA LYS B 127 14.05 -28.46 19.69
C LYS B 127 14.02 -29.16 18.35
N ARG B 128 14.14 -30.47 18.32
CA ARG B 128 13.99 -31.18 17.05
C ARG B 128 12.50 -31.22 16.65
N VAL B 129 12.11 -30.36 15.73
CA VAL B 129 10.71 -30.35 15.28
C VAL B 129 10.42 -31.33 14.13
N TRP B 130 11.45 -32.03 13.66
CA TRP B 130 11.25 -33.27 12.89
C TRP B 130 12.39 -34.20 13.31
N PRO B 131 12.30 -35.50 13.00
CA PRO B 131 13.36 -36.35 13.54
C PRO B 131 14.66 -36.19 12.69
N ALA B 132 15.59 -35.39 13.21
CA ALA B 132 16.87 -35.21 12.57
C ALA B 132 17.75 -34.35 13.48
N SER B 133 18.93 -33.94 12.99
CA SER B 133 19.83 -33.07 13.80
C SER B 133 19.10 -31.84 14.26
N GLN B 134 19.48 -31.35 15.43
CA GLN B 134 18.98 -30.10 15.93
C GLN B 134 19.50 -29.02 15.00
N ARG B 135 18.73 -27.96 14.83
CA ARG B 135 19.18 -26.77 14.10
C ARG B 135 19.57 -25.70 15.10
N ASP B 136 20.65 -24.96 14.84
CA ASP B 136 20.85 -23.72 15.57
C ASP B 136 20.77 -22.50 14.64
N VAL B 137 20.70 -21.32 15.20
CA VAL B 137 20.61 -20.14 14.37
C VAL B 137 21.27 -19.02 15.10
N LEU B 138 21.82 -18.10 14.32
CA LEU B 138 22.57 -16.99 14.90
C LEU B 138 22.11 -15.78 14.08
N TYR B 139 21.41 -14.82 14.73
CA TYR B 139 20.79 -13.77 13.94
C TYR B 139 20.80 -12.42 14.64
N LEU B 140 20.88 -11.37 13.85
CA LEU B 140 20.72 -10.02 14.38
C LEU B 140 19.21 -9.80 14.47
N SER B 141 18.77 -9.25 15.59
CA SER B 141 17.36 -8.98 15.79
C SER B 141 17.21 -7.48 16.11
N VAL B 142 16.48 -6.76 15.28
CA VAL B 142 16.40 -5.31 15.37
C VAL B 142 14.96 -4.84 15.27
N ILE B 143 14.63 -3.84 16.07
CA ILE B 143 13.30 -3.28 16.07
C ILE B 143 13.34 -1.83 15.64
N ARG B 144 12.46 -1.48 14.70
CA ARG B 144 12.44 -0.13 14.15
C ARG B 144 11.03 0.38 13.96
N LYS B 145 10.88 1.69 14.09
CA LYS B 145 9.61 2.33 13.73
C LYS B 145 9.81 3.01 12.37
N ILE B 146 8.90 2.76 11.45
CA ILE B 146 8.90 3.42 10.14
C ILE B 146 7.85 4.54 10.15
N PRO B 147 8.29 5.79 10.03
CA PRO B 147 7.35 6.90 10.26
C PRO B 147 6.24 6.89 9.23
N ALA B 148 5.08 7.43 9.61
CA ALA B 148 4.01 7.66 8.63
C ALA B 148 4.28 9.02 7.98
N LEU B 149 4.08 9.16 6.69
CA LEU B 149 4.34 10.47 6.07
C LEU B 149 3.05 11.12 5.58
N THR B 150 1.92 10.46 5.85
CA THR B 150 0.63 11.11 5.72
C THR B 150 -0.02 11.15 7.09
N GLU B 151 -1.04 11.98 7.21
CA GLU B 151 -1.53 12.34 8.54
C GLU B 151 -2.39 11.26 9.22
N ASN B 152 -3.02 10.40 8.45
CA ASN B 152 -3.94 9.43 9.07
C ASN B 152 -3.67 7.96 8.79
N ASP B 153 -2.62 7.69 8.04
CA ASP B 153 -2.29 6.30 7.73
C ASP B 153 -1.28 5.87 8.80
N PRO B 154 -1.35 4.61 9.27
CA PRO B 154 -0.60 4.16 10.46
C PRO B 154 0.93 4.14 10.32
N GLU B 155 1.66 4.43 11.41
CA GLU B 155 3.12 4.20 11.46
C GLU B 155 3.30 2.70 11.45
N THR B 156 4.46 2.25 10.98
CA THR B 156 4.72 0.82 10.92
C THR B 156 5.85 0.47 11.87
N TRP B 157 5.65 -0.58 12.67
CA TRP B 157 6.72 -1.11 13.50
C TRP B 157 7.18 -2.42 12.86
N ILE B 158 8.49 -2.60 12.83
CA ILE B 158 9.04 -3.82 12.21
C ILE B 158 10.13 -4.40 13.11
N VAL B 159 10.15 -5.72 13.22
CA VAL B 159 11.27 -6.45 13.80
C VAL B 159 11.83 -7.33 12.71
N CYS B 160 13.12 -7.17 12.43
CA CYS B 160 13.79 -8.01 11.44
C CYS B 160 14.78 -8.90 12.16
N ASN B 161 14.74 -10.20 11.84
CA ASN B 161 15.61 -11.22 12.37
C ASN B 161 16.36 -11.82 11.17
N PHE B 162 17.66 -11.58 11.04
CA PHE B 162 18.38 -12.13 9.88
C PHE B 162 19.74 -12.71 10.27
N SER B 163 20.11 -13.80 9.62
CA SER B 163 21.35 -14.44 10.00
C SER B 163 22.57 -13.58 9.78
N VAL B 164 23.48 -13.67 10.75
CA VAL B 164 24.80 -13.05 10.68
C VAL B 164 25.84 -14.05 11.18
N ASP B 165 27.10 -13.79 10.88
CA ASP B 165 28.20 -14.57 11.47
C ASP B 165 28.69 -13.87 12.75
N HIS B 166 29.31 -14.63 13.67
CA HIS B 166 29.95 -14.05 14.86
C HIS B 166 31.00 -15.05 15.35
N ASP B 167 32.20 -14.55 15.64
CA ASP B 167 33.29 -15.44 16.06
C ASP B 167 32.98 -16.18 17.36
N SER B 168 32.07 -15.64 18.16
CA SER B 168 31.69 -16.30 19.42
C SER B 168 30.74 -17.50 19.19
N ALA B 169 30.20 -17.62 18.00
CA ALA B 169 29.26 -18.68 17.68
C ALA B 169 29.59 -19.25 16.32
N PRO B 170 30.77 -19.90 16.21
CA PRO B 170 31.20 -20.58 14.98
C PRO B 170 30.30 -21.78 14.66
N LEU B 171 30.41 -22.35 13.46
CA LEU B 171 29.68 -23.61 13.22
C LEU B 171 30.18 -24.66 14.21
N ASN B 172 29.30 -25.53 14.68
CA ASN B 172 29.73 -26.58 15.57
C ASN B 172 29.23 -27.93 15.06
N ASN B 173 29.62 -29.02 15.73
CA ASN B 173 29.33 -30.37 15.22
C ASN B 173 28.08 -31.02 15.84
N ARG B 174 27.38 -30.25 16.64
CA ARG B 174 26.17 -30.70 17.33
C ARG B 174 24.92 -30.39 16.51
N CYS B 175 24.90 -29.20 15.92
CA CYS B 175 23.73 -28.69 15.21
C CYS B 175 24.00 -28.35 13.75
N VAL B 176 22.95 -28.44 12.94
CA VAL B 176 23.00 -27.85 11.62
C VAL B 176 22.64 -26.35 11.75
N ARG B 177 23.46 -25.49 11.15
CA ARG B 177 23.22 -24.05 11.19
C ARG B 177 22.20 -23.64 10.11
N ALA B 178 21.00 -23.27 10.55
CA ALA B 178 20.01 -22.74 9.63
C ALA B 178 20.31 -21.26 9.33
N LYS B 179 19.72 -20.76 8.25
CA LYS B 179 19.86 -19.35 7.88
C LYS B 179 18.44 -18.76 7.77
N ILE B 180 18.21 -17.57 8.28
CA ILE B 180 16.85 -17.00 8.28
C ILE B 180 16.89 -15.56 7.81
N ASN B 181 15.77 -15.14 7.25
CA ASN B 181 15.49 -13.74 6.98
C ASN B 181 14.01 -13.60 7.27
N VAL B 182 13.70 -13.03 8.41
CA VAL B 182 12.32 -13.01 8.97
C VAL B 182 11.96 -11.59 9.40
N ALA B 183 10.70 -11.22 9.24
CA ALA B 183 10.24 -9.94 9.71
C ALA B 183 8.86 -10.04 10.23
N MET B 184 8.62 -9.33 11.32
CA MET B 184 7.25 -9.12 11.73
C MET B 184 6.94 -7.62 11.60
N ILE B 185 5.90 -7.31 10.83
CA ILE B 185 5.60 -5.93 10.45
C ILE B 185 4.18 -5.56 10.97
N CYS B 186 4.07 -4.52 11.78
CA CYS B 186 2.80 -4.31 12.47
C CYS B 186 2.34 -2.89 12.27
N GLN B 187 1.03 -2.72 12.02
CA GLN B 187 0.42 -1.39 11.96
C GLN B 187 -0.80 -1.34 12.87
N THR B 188 -1.03 -0.20 13.53
CA THR B 188 -2.18 -0.02 14.43
C THR B 188 -3.25 0.82 13.75
N LEU B 189 -4.45 0.29 13.70
CA LEU B 189 -5.62 1.03 13.23
C LEU B 189 -6.38 1.49 14.47
N VAL B 190 -6.68 2.78 14.53
CA VAL B 190 -7.38 3.35 15.68
C VAL B 190 -8.69 3.92 15.18
N SER B 191 -9.78 3.62 15.87
CA SER B 191 -11.03 4.32 15.62
C SER B 191 -11.37 5.10 16.88
N PRO B 192 -11.33 6.47 16.81
CA PRO B 192 -11.75 7.26 17.97
C PRO B 192 -13.09 6.73 18.52
N PRO B 193 -13.31 6.89 19.82
CA PRO B 193 -14.36 6.13 20.51
C PRO B 193 -15.73 6.83 20.58
N GLU B 194 -16.64 6.25 21.35
CA GLU B 194 -17.93 6.90 21.64
C GLU B 194 -17.72 8.20 22.43
N GLY B 195 -18.31 9.28 21.92
CA GLY B 195 -18.33 10.57 22.62
C GLY B 195 -16.99 11.24 22.87
N ASN B 196 -16.81 11.71 24.11
CA ASN B 196 -15.57 12.34 24.55
C ASN B 196 -14.69 11.39 25.36
N GLN B 197 -14.92 10.09 25.22
CA GLN B 197 -14.14 9.10 25.97
C GLN B 197 -12.74 9.02 25.40
N GLU B 198 -11.78 8.62 26.22
CA GLU B 198 -10.45 8.40 25.70
C GLU B 198 -10.38 7.07 24.99
N ILE B 199 -9.35 6.91 24.15
CA ILE B 199 -9.17 5.67 23.42
C ILE B 199 -8.97 4.52 24.39
N SER B 200 -9.67 3.42 24.18
CA SER B 200 -9.45 2.25 24.97
C SER B 200 -8.97 1.13 24.02
N ARG B 201 -8.70 -0.05 24.56
CA ARG B 201 -8.24 -1.16 23.72
C ARG B 201 -9.39 -1.66 22.83
N ASP B 202 -10.62 -1.22 23.10
CA ASP B 202 -11.74 -1.57 22.22
C ASP B 202 -11.68 -0.81 20.93
N ASN B 203 -10.84 0.21 20.88
CA ASN B 203 -10.78 1.06 19.70
C ASN B 203 -9.55 0.81 18.84
N ILE B 204 -8.83 -0.27 19.09
CA ILE B 204 -7.56 -0.48 18.39
C ILE B 204 -7.48 -1.89 17.84
N LEU B 205 -6.83 -2.01 16.69
CA LEU B 205 -6.64 -3.32 16.04
C LEU B 205 -5.22 -3.32 15.46
N CYS B 206 -4.47 -4.39 15.70
CA CYS B 206 -3.13 -4.49 15.11
C CYS B 206 -3.16 -5.40 13.87
N LYS B 207 -2.78 -4.86 12.71
CA LYS B 207 -2.61 -5.64 11.47
C LYS B 207 -1.18 -6.16 11.37
N ILE B 208 -1.02 -7.47 11.23
CA ILE B 208 0.29 -8.08 11.33
C ILE B 208 0.61 -8.76 9.99
N THR B 209 1.84 -8.58 9.52
CA THR B 209 2.36 -9.36 8.40
C THR B 209 3.64 -10.02 8.91
N TYR B 210 3.70 -11.36 8.83
CA TYR B 210 4.88 -12.05 9.31
C TYR B 210 5.47 -12.77 8.08
N VAL B 211 6.74 -12.56 7.79
CA VAL B 211 7.35 -13.19 6.60
C VAL B 211 8.59 -13.95 7.10
N ALA B 212 8.74 -15.18 6.62
CA ALA B 212 9.90 -15.99 6.98
C ALA B 212 10.49 -16.65 5.74
N ASN B 213 11.78 -16.41 5.51
CA ASN B 213 12.50 -17.12 4.48
C ASN B 213 13.60 -17.87 5.23
N VAL B 214 13.53 -19.19 5.27
CA VAL B 214 14.41 -20.00 6.09
C VAL B 214 15.04 -21.07 5.24
N ASN B 215 16.36 -21.20 5.36
CA ASN B 215 17.09 -22.36 4.84
C ASN B 215 17.49 -23.27 6.00
N PRO B 216 16.82 -24.42 6.14
CA PRO B 216 17.04 -25.25 7.33
C PRO B 216 18.43 -25.88 7.33
N GLY B 217 19.14 -25.82 6.19
CA GLY B 217 20.48 -26.39 6.10
C GLY B 217 20.45 -27.91 6.09
N GLY B 218 21.63 -28.51 5.93
CA GLY B 218 21.69 -29.95 5.94
C GLY B 218 20.79 -30.48 4.86
N TRP B 219 20.13 -31.60 5.13
CA TRP B 219 19.22 -32.21 4.16
C TRP B 219 18.06 -32.80 4.96
N ALA B 220 16.86 -32.63 4.44
CA ALA B 220 15.69 -33.27 5.03
C ALA B 220 14.68 -33.46 3.94
N PRO B 221 13.77 -34.42 4.09
CA PRO B 221 12.75 -34.69 3.09
C PRO B 221 11.88 -33.45 2.89
N ALA B 222 11.61 -33.08 1.64
CA ALA B 222 10.80 -31.90 1.32
C ALA B 222 9.43 -31.95 1.98
N SER B 223 8.73 -33.09 1.89
CA SER B 223 7.38 -33.19 2.45
C SER B 223 7.38 -33.03 3.97
N VAL B 224 8.48 -33.42 4.62
CA VAL B 224 8.62 -33.32 6.09
C VAL B 224 8.79 -31.84 6.48
N LEU B 225 9.68 -31.16 5.77
CA LEU B 225 9.94 -29.73 6.01
C LEU B 225 8.63 -28.95 5.82
N ARG B 226 7.90 -29.24 4.75
CA ARG B 226 6.67 -28.48 4.47
C ARG B 226 5.60 -28.75 5.50
N ALA B 227 5.54 -29.98 5.99
CA ALA B 227 4.58 -30.31 7.04
C ALA B 227 4.92 -29.59 8.36
N VAL B 228 6.21 -29.51 8.68
CA VAL B 228 6.67 -28.85 9.92
C VAL B 228 6.35 -27.37 9.87
N ALA B 229 6.52 -26.77 8.69
CA ALA B 229 6.19 -25.33 8.49
C ALA B 229 4.69 -25.11 8.74
N LYS B 230 3.85 -25.93 8.10
CA LYS B 230 2.38 -25.79 8.21
C LYS B 230 1.92 -25.98 9.66
N ARG B 231 2.59 -26.86 10.38
CA ARG B 231 2.31 -27.09 11.80
C ARG B 231 2.81 -25.95 12.70
N GLU B 232 4.09 -25.63 12.62
CA GLU B 232 4.75 -24.76 13.60
C GLU B 232 4.48 -23.24 13.46
N TYR B 233 4.40 -22.74 12.22
CA TYR B 233 4.14 -21.30 12.06
C TYR B 233 2.80 -20.82 12.58
N PRO B 234 1.71 -21.47 12.16
CA PRO B 234 0.40 -21.06 12.71
C PRO B 234 0.33 -21.27 14.23
N LYS B 235 0.89 -22.36 14.75
CA LYS B 235 0.91 -22.57 16.19
C LYS B 235 1.60 -21.41 16.92
N PHE B 236 2.77 -21.00 16.43
CA PHE B 236 3.53 -19.89 17.00
C PHE B 236 2.73 -18.58 16.94
N LEU B 237 2.11 -18.31 15.79
CA LEU B 237 1.45 -17.00 15.58
C LEU B 237 0.27 -16.87 16.51
N LYS B 238 -0.43 -17.99 16.71
CA LYS B 238 -1.62 -18.01 17.56
C LYS B 238 -1.19 -17.82 19.02
N ARG B 239 -0.18 -18.56 19.44
CA ARG B 239 0.26 -18.54 20.82
C ARG B 239 0.85 -17.18 21.16
N PHE B 240 1.69 -16.68 20.25
CA PHE B 240 2.36 -15.38 20.46
C PHE B 240 1.34 -14.22 20.48
N THR B 241 0.44 -14.16 19.52
CA THR B 241 -0.56 -13.08 19.52
C THR B 241 -1.49 -13.15 20.76
N SER B 242 -1.86 -14.37 21.16
CA SER B 242 -2.76 -14.53 22.31
C SER B 242 -2.01 -14.07 23.56
N TYR B 243 -0.71 -14.35 23.58
CA TYR B 243 0.13 -13.95 24.68
C TYR B 243 0.17 -12.43 24.85
N VAL B 244 0.41 -11.71 23.75
CA VAL B 244 0.44 -10.26 23.80
C VAL B 244 -0.91 -9.68 24.29
N GLN B 245 -2.00 -10.21 23.75
CA GLN B 245 -3.34 -9.82 24.19
C GLN B 245 -3.48 -10.04 25.70
N GLU B 246 -3.01 -11.18 26.21
CA GLU B 246 -3.09 -11.47 27.66
C GLU B 246 -2.28 -10.52 28.54
N LYS B 247 -1.05 -10.25 28.10
CA LYS B 247 -0.11 -9.44 28.87
C LYS B 247 -0.46 -7.96 28.86
N THR B 248 -1.17 -7.51 27.83
CA THR B 248 -1.52 -6.07 27.68
C THR B 248 -2.91 -5.74 28.24
N ALA B 249 -3.71 -6.76 28.48
CA ALA B 249 -5.10 -6.56 28.94
C ALA B 249 -5.13 -5.70 30.22
N GLY B 250 -5.97 -4.68 30.21
CA GLY B 250 -6.16 -3.82 31.38
C GLY B 250 -5.06 -2.76 31.49
N LYS B 251 -3.97 -2.93 30.75
CA LYS B 251 -2.80 -2.02 30.92
C LYS B 251 -2.87 -0.79 30.02
N PRO B 252 -2.24 0.33 30.45
CA PRO B 252 -2.17 1.53 29.60
C PRO B 252 -1.61 1.16 28.24
N ILE B 253 -2.08 1.84 27.20
CA ILE B 253 -1.70 1.49 25.82
C ILE B 253 -0.37 2.10 25.43
N LEU B 254 0.56 1.26 24.96
CA LEU B 254 1.80 1.80 24.39
C LEU B 254 1.64 1.99 22.89
N PHE B 255 1.49 3.24 22.47
CA PHE B 255 1.20 3.49 21.06
C PHE B 255 2.43 3.45 20.19
#